data_8K6P
#
_entry.id   8K6P
#
_cell.length_a   99.380
_cell.length_b   39.240
_cell.length_c   31.350
_cell.angle_alpha   90.000
_cell.angle_beta   97.041
_cell.angle_gamma   90.000
#
_symmetry.space_group_name_H-M   'C 1 2 1'
#
loop_
_entity.id
_entity.type
_entity.pdbx_description
1 polymer Sharpin
2 water water
#
_entity_poly.entity_id   1
_entity_poly.type   'polypeptide(L)'
_entity_poly.pdbx_seq_one_letter_code
;YRSPGNLTEREELAGSLARAIAGGDEKGAAQVAAVLAQHRVALSVQLQ
;
_entity_poly.pdbx_strand_id   A,B,C
#
# COMPACT_ATOMS: atom_id res chain seq x y z
N ASN A 6 -14.13 12.40 1.69
CA ASN A 6 -14.02 11.87 3.03
C ASN A 6 -13.49 10.43 3.03
N LEU A 7 -12.23 10.27 2.63
CA LEU A 7 -11.54 8.99 2.63
C LEU A 7 -10.55 8.93 3.80
N THR A 8 -10.50 7.78 4.47
CA THR A 8 -9.62 7.62 5.61
C THR A 8 -8.16 7.54 5.16
N GLU A 9 -7.26 7.71 6.13
CA GLU A 9 -5.84 7.52 5.82
C GLU A 9 -5.56 6.07 5.45
N ARG A 10 -6.13 5.13 6.20
CA ARG A 10 -5.96 3.72 5.86
C ARG A 10 -6.40 3.42 4.43
N GLU A 11 -7.57 3.94 4.03
CA GLU A 11 -8.08 3.70 2.68
C GLU A 11 -7.08 4.17 1.63
N GLU A 12 -6.56 5.39 1.81
CA GLU A 12 -5.64 5.96 0.83
C GLU A 12 -4.31 5.21 0.81
N LEU A 13 -3.86 4.73 1.97
CA LEU A 13 -2.63 3.93 2.02
C LEU A 13 -2.81 2.61 1.28
N ALA A 14 -3.92 1.93 1.53
CA ALA A 14 -4.22 0.67 0.86
C ALA A 14 -4.32 0.86 -0.64
N GLY A 15 -5.00 1.92 -1.08
CA GLY A 15 -5.06 2.21 -2.50
C GLY A 15 -3.70 2.56 -3.09
N SER A 16 -2.87 3.28 -2.32
CA SER A 16 -1.50 3.53 -2.78
C SER A 16 -0.74 2.24 -2.98
N LEU A 17 -0.93 1.27 -2.07
CA LEU A 17 -0.20 0.01 -2.16
C LEU A 17 -0.66 -0.80 -3.37
N ALA A 18 -1.97 -0.89 -3.58
CA ALA A 18 -2.47 -1.55 -4.79
C ALA A 18 -1.94 -0.88 -6.05
N ARG A 19 -1.95 0.46 -6.10
CA ARG A 19 -1.48 1.13 -7.31
C ARG A 19 0.03 0.98 -7.49
N ALA A 20 0.78 1.05 -6.38
CA ALA A 20 2.22 0.84 -6.46
C ALA A 20 2.55 -0.53 -7.03
N ILE A 21 1.88 -1.58 -6.54
CA ILE A 21 2.14 -2.93 -7.00
C ILE A 21 1.81 -3.07 -8.47
N ALA A 22 0.65 -2.55 -8.90
CA ALA A 22 0.25 -2.64 -10.29
C ALA A 22 1.18 -1.85 -11.20
N GLY A 23 1.72 -0.73 -10.72
CA GLY A 23 2.62 0.08 -11.54
C GLY A 23 4.08 -0.31 -11.50
N GLY A 24 4.44 -1.37 -10.77
CA GLY A 24 5.82 -1.80 -10.72
C GLY A 24 6.72 -0.96 -9.84
N ASP A 25 6.15 -0.25 -8.86
CA ASP A 25 6.91 0.65 -7.99
C ASP A 25 7.34 -0.15 -6.76
N GLU A 26 8.47 -0.85 -6.90
CA GLU A 26 8.90 -1.73 -5.81
C GLU A 26 9.18 -0.95 -4.54
N LYS A 27 9.93 0.15 -4.64
CA LYS A 27 10.29 0.93 -3.46
C LYS A 27 9.03 1.45 -2.76
N GLY A 28 8.16 2.13 -3.51
CA GLY A 28 6.95 2.67 -2.91
C GLY A 28 6.02 1.59 -2.38
N ALA A 29 5.84 0.50 -3.13
CA ALA A 29 5.03 -0.60 -2.63
C ALA A 29 5.60 -1.12 -1.32
N ALA A 30 6.92 -1.20 -1.23
CA ALA A 30 7.52 -1.74 -0.01
C ALA A 30 7.32 -0.79 1.16
N GLN A 31 7.49 0.51 0.91
CA GLN A 31 7.35 1.47 1.99
C GLN A 31 5.90 1.66 2.40
N VAL A 32 4.97 1.65 1.43
CA VAL A 32 3.57 1.79 1.82
C VAL A 32 3.10 0.56 2.59
N ALA A 33 3.54 -0.64 2.17
CA ALA A 33 3.17 -1.83 2.92
C ALA A 33 3.66 -1.73 4.37
N ALA A 34 4.87 -1.21 4.57
CA ALA A 34 5.39 -1.08 5.93
C ALA A 34 4.49 -0.17 6.77
N VAL A 35 4.00 0.92 6.19
CA VAL A 35 3.17 1.86 6.95
C VAL A 35 1.85 1.22 7.34
N LEU A 36 1.25 0.47 6.41
CA LEU A 36 0.05 -0.28 6.77
C LEU A 36 0.32 -1.28 7.87
N ALA A 37 1.48 -1.95 7.80
CA ALA A 37 1.83 -2.90 8.84
C ALA A 37 2.01 -2.20 10.18
N GLN A 38 2.43 -0.93 10.16
CA GLN A 38 2.57 -0.20 11.42
C GLN A 38 1.24 -0.09 12.13
N HIS A 39 0.20 0.30 11.40
CA HIS A 39 -1.15 0.39 11.92
C HIS A 39 -1.81 -0.96 12.08
N ARG A 40 -1.13 -2.04 11.71
CA ARG A 40 -1.68 -3.40 11.73
C ARG A 40 -3.10 -3.40 11.17
N VAL A 41 -3.21 -2.96 9.93
CA VAL A 41 -4.51 -2.83 9.28
C VAL A 41 -5.00 -4.20 8.81
N ALA A 42 -6.28 -4.49 9.06
CA ALA A 42 -6.91 -5.68 8.50
C ALA A 42 -7.41 -5.38 7.10
N LEU A 43 -6.82 -6.02 6.09
CA LEU A 43 -7.11 -5.73 4.71
C LEU A 43 -7.52 -7.00 4.00
N SER A 44 -8.34 -6.85 2.97
CA SER A 44 -8.61 -7.91 2.01
C SER A 44 -7.75 -7.62 0.78
N VAL A 45 -6.87 -8.55 0.41
CA VAL A 45 -6.01 -8.42 -0.77
C VAL A 45 -6.42 -9.53 -1.73
N GLN A 46 -7.14 -9.16 -2.78
CA GLN A 46 -7.66 -10.11 -3.75
C GLN A 46 -7.07 -9.81 -5.12
N LEU A 47 -7.04 -10.83 -5.97
CA LEU A 47 -6.54 -10.70 -7.33
C LEU A 47 -7.66 -10.23 -8.26
N GLN A 48 -7.27 -9.50 -9.31
CA GLN A 48 -8.22 -9.02 -10.30
C GLN A 48 -8.03 -9.69 -11.64
N TYR B 1 -13.07 -21.16 0.16
CA TYR B 1 -11.72 -21.56 0.57
C TYR B 1 -11.05 -22.38 -0.53
N ARG B 2 -9.77 -22.12 -0.75
CA ARG B 2 -8.94 -22.90 -1.65
C ARG B 2 -7.92 -23.66 -0.82
N SER B 3 -7.98 -24.98 -0.91
CA SER B 3 -6.91 -25.82 -0.37
C SER B 3 -5.59 -25.42 -1.02
N PRO B 4 -4.46 -25.73 -0.38
CA PRO B 4 -3.17 -25.23 -0.88
C PRO B 4 -2.83 -25.71 -2.27
N GLY B 5 -3.37 -26.85 -2.70
CA GLY B 5 -3.16 -27.33 -4.05
C GLY B 5 -3.91 -26.56 -5.11
N ASN B 6 -4.85 -25.70 -4.72
CA ASN B 6 -5.64 -24.93 -5.66
C ASN B 6 -5.33 -23.43 -5.59
N LEU B 7 -4.16 -23.06 -5.07
CA LEU B 7 -3.72 -21.68 -4.98
C LEU B 7 -2.59 -21.43 -5.97
N THR B 8 -2.59 -20.26 -6.62
CA THR B 8 -1.51 -19.86 -7.50
C THR B 8 -0.42 -19.14 -6.71
N GLU B 9 0.70 -18.87 -7.38
CA GLU B 9 1.77 -18.05 -6.81
C GLU B 9 1.25 -16.70 -6.31
N ARG B 10 0.61 -15.93 -7.20
CA ARG B 10 0.12 -14.61 -6.82
C ARG B 10 -0.87 -14.69 -5.68
N GLU B 11 -1.74 -15.71 -5.70
CA GLU B 11 -2.70 -15.86 -4.60
C GLU B 11 -2.00 -16.08 -3.28
N GLU B 12 -0.95 -16.93 -3.27
CA GLU B 12 -0.21 -17.17 -2.04
C GLU B 12 0.49 -15.89 -1.58
N LEU B 13 1.09 -15.15 -2.53
CA LEU B 13 1.76 -13.89 -2.19
C LEU B 13 0.77 -12.85 -1.66
N ALA B 14 -0.41 -12.74 -2.27
CA ALA B 14 -1.42 -11.81 -1.79
C ALA B 14 -1.81 -12.11 -0.35
N GLY B 15 -1.97 -13.40 -0.03
CA GLY B 15 -2.28 -13.77 1.34
C GLY B 15 -1.13 -13.54 2.29
N SER B 16 0.10 -13.80 1.84
CA SER B 16 1.25 -13.46 2.68
C SER B 16 1.27 -11.96 2.97
N LEU B 17 0.92 -11.14 1.98
CA LEU B 17 0.95 -9.70 2.18
C LEU B 17 -0.11 -9.26 3.21
N ALA B 18 -1.33 -9.79 3.08
CA ALA B 18 -2.38 -9.46 4.04
C ALA B 18 -1.99 -9.87 5.46
N ARG B 19 -1.49 -11.10 5.62
CA ARG B 19 -1.09 -11.58 6.94
C ARG B 19 0.02 -10.73 7.53
N ALA B 20 1.01 -10.37 6.71
CA ALA B 20 2.14 -9.58 7.19
C ALA B 20 1.69 -8.19 7.64
N ILE B 21 0.78 -7.57 6.88
CA ILE B 21 0.28 -6.26 7.27
C ILE B 21 -0.55 -6.38 8.55
N ALA B 22 -1.37 -7.42 8.65
CA ALA B 22 -2.27 -7.57 9.79
C ALA B 22 -1.55 -7.93 11.08
N GLY B 23 -0.39 -8.57 10.98
CA GLY B 23 0.38 -8.94 12.14
C GLY B 23 1.34 -7.88 12.63
N GLY B 24 1.58 -6.83 11.85
CA GLY B 24 2.57 -5.84 12.19
C GLY B 24 3.97 -6.17 11.70
N ASP B 25 4.08 -6.95 10.62
CA ASP B 25 5.37 -7.38 10.09
C ASP B 25 5.77 -6.42 8.98
N GLU B 26 6.48 -5.35 9.34
CA GLU B 26 6.88 -4.33 8.36
C GLU B 26 7.89 -4.88 7.37
N LYS B 27 8.91 -5.59 7.87
CA LYS B 27 9.90 -6.15 6.97
C LYS B 27 9.29 -7.26 6.12
N GLY B 28 8.44 -8.09 6.71
CA GLY B 28 7.77 -9.10 5.91
C GLY B 28 6.84 -8.50 4.88
N ALA B 29 6.00 -7.56 5.29
CA ALA B 29 5.07 -6.95 4.34
C ALA B 29 5.82 -6.26 3.21
N ALA B 30 6.87 -5.51 3.55
CA ALA B 30 7.64 -4.82 2.52
C ALA B 30 8.21 -5.80 1.49
N GLN B 31 8.68 -6.96 1.95
CA GLN B 31 9.27 -7.94 1.04
C GLN B 31 8.24 -8.47 0.05
N VAL B 32 7.02 -8.75 0.51
CA VAL B 32 6.01 -9.33 -0.38
C VAL B 32 5.47 -8.27 -1.32
N ALA B 33 5.28 -7.05 -0.82
CA ALA B 33 4.81 -5.95 -1.66
C ALA B 33 5.76 -5.73 -2.83
N ALA B 34 7.07 -5.80 -2.57
CA ALA B 34 8.05 -5.59 -3.63
C ALA B 34 8.01 -6.70 -4.66
N VAL B 35 7.93 -7.95 -4.19
CA VAL B 35 7.85 -9.09 -5.11
C VAL B 35 6.61 -8.97 -5.99
N LEU B 36 5.48 -8.60 -5.40
CA LEU B 36 4.27 -8.41 -6.19
C LEU B 36 4.44 -7.27 -7.18
N ALA B 37 5.10 -6.18 -6.76
CA ALA B 37 5.32 -5.05 -7.66
C ALA B 37 6.21 -5.44 -8.84
N GLN B 38 7.21 -6.30 -8.62
CA GLN B 38 8.10 -6.66 -9.71
C GLN B 38 7.36 -7.37 -10.83
N HIS B 39 6.23 -7.98 -10.53
CA HIS B 39 5.44 -8.65 -11.55
C HIS B 39 4.26 -7.81 -11.97
N ARG B 40 4.14 -6.61 -11.42
CA ARG B 40 3.06 -5.68 -11.75
CA ARG B 40 3.06 -5.69 -11.78
C ARG B 40 1.69 -6.37 -11.65
N VAL B 41 1.50 -7.05 -10.52
CA VAL B 41 0.29 -7.84 -10.29
C VAL B 41 -0.90 -6.93 -10.09
N ALA B 42 -2.05 -7.32 -10.66
CA ALA B 42 -3.28 -6.55 -10.53
C ALA B 42 -4.05 -7.01 -9.30
N LEU B 43 -4.08 -6.17 -8.26
CA LEU B 43 -4.56 -6.50 -6.93
C LEU B 43 -5.68 -5.56 -6.50
N SER B 44 -6.60 -6.09 -5.72
CA SER B 44 -7.57 -5.28 -5.01
C SER B 44 -7.20 -5.32 -3.53
N VAL B 45 -6.93 -4.16 -2.94
CA VAL B 45 -6.61 -4.04 -1.52
C VAL B 45 -7.75 -3.28 -0.84
N GLN B 46 -8.49 -3.95 0.03
CA GLN B 46 -9.75 -3.45 0.57
C GLN B 46 -9.75 -3.44 2.10
N LEU B 47 -10.26 -2.34 2.66
CA LEU B 47 -10.41 -2.21 4.11
C LEU B 47 -11.45 -3.18 4.62
N GLN B 48 -11.06 -4.07 5.52
CA GLN B 48 -12.02 -4.98 6.15
C GLN B 48 -12.08 -4.74 7.66
N PRO C 4 -12.02 5.72 -5.60
CA PRO C 4 -10.89 4.86 -5.24
C PRO C 4 -10.47 3.98 -6.40
N GLY C 5 -11.41 3.69 -7.29
CA GLY C 5 -11.09 3.09 -8.56
C GLY C 5 -10.66 4.08 -9.63
N ASN C 6 -10.85 5.38 -9.37
CA ASN C 6 -10.48 6.43 -10.31
C ASN C 6 -9.36 7.31 -9.77
N LEU C 7 -8.45 6.72 -8.98
CA LEU C 7 -7.35 7.46 -8.39
C LEU C 7 -6.03 6.81 -8.77
N THR C 8 -5.03 7.65 -9.05
CA THR C 8 -3.68 7.21 -9.41
C THR C 8 -2.84 7.01 -8.15
N GLU C 9 -1.67 6.38 -8.33
CA GLU C 9 -0.78 6.22 -7.18
C GLU C 9 -0.38 7.56 -6.60
N ARG C 10 -0.08 8.54 -7.46
CA ARG C 10 0.34 9.85 -6.96
C ARG C 10 -0.77 10.52 -6.16
N GLU C 11 -2.01 10.44 -6.64
CA GLU C 11 -3.10 11.07 -5.92
C GLU C 11 -3.33 10.43 -4.56
N GLU C 12 -3.25 9.09 -4.49
CA GLU C 12 -3.47 8.43 -3.20
C GLU C 12 -2.28 8.61 -2.27
N LEU C 13 -1.07 8.72 -2.82
CA LEU C 13 0.08 9.06 -1.98
C LEU C 13 -0.04 10.48 -1.43
N ALA C 14 -0.49 11.42 -2.26
CA ALA C 14 -0.71 12.78 -1.77
C ALA C 14 -1.80 12.81 -0.71
N GLY C 15 -2.89 12.09 -0.96
CA GLY C 15 -3.96 12.00 0.03
C GLY C 15 -3.52 11.31 1.30
N SER C 16 -2.75 10.23 1.18
CA SER C 16 -2.24 9.56 2.37
C SER C 16 -1.42 10.53 3.21
N LEU C 17 -0.62 11.38 2.55
CA LEU C 17 0.29 12.28 3.26
C LEU C 17 -0.48 13.36 4.00
N ALA C 18 -1.45 13.99 3.35
CA ALA C 18 -2.26 15.00 4.03
C ALA C 18 -2.98 14.41 5.24
N ARG C 19 -3.45 13.17 5.12
CA ARG C 19 -4.16 12.53 6.21
C ARG C 19 -3.21 12.05 7.30
N ALA C 20 -2.03 11.56 6.94
CA ALA C 20 -1.06 11.19 7.96
C ALA C 20 -0.68 12.41 8.80
N ILE C 21 -0.39 13.51 8.12
CA ILE C 21 0.00 14.72 8.84
C ILE C 21 -1.13 15.24 9.73
N ALA C 22 -2.35 15.26 9.21
CA ALA C 22 -3.46 15.77 10.02
C ALA C 22 -3.70 14.90 11.25
N GLY C 23 -3.55 13.58 11.11
CA GLY C 23 -3.74 12.64 12.19
C GLY C 23 -2.56 12.48 13.12
N GLY C 24 -1.43 13.15 12.85
CA GLY C 24 -0.28 13.04 13.71
C GLY C 24 0.54 11.78 13.53
N ASP C 25 0.43 11.13 12.38
CA ASP C 25 1.17 9.90 12.11
C ASP C 25 2.56 10.29 11.62
N GLU C 26 3.49 10.48 12.56
CA GLU C 26 4.82 10.95 12.19
C GLU C 26 5.54 9.96 11.28
N LYS C 27 5.59 8.68 11.68
CA LYS C 27 6.33 7.71 10.88
C LYS C 27 5.69 7.48 9.52
N GLY C 28 4.36 7.48 9.45
CA GLY C 28 3.69 7.26 8.18
C GLY C 28 3.84 8.46 7.25
N ALA C 29 3.62 9.66 7.80
CA ALA C 29 3.86 10.88 7.02
C ALA C 29 5.25 10.88 6.42
N ALA C 30 6.24 10.48 7.23
CA ALA C 30 7.64 10.51 6.81
C ALA C 30 7.90 9.52 5.68
N GLN C 31 7.29 8.35 5.73
CA GLN C 31 7.63 7.38 4.70
C GLN C 31 6.89 7.66 3.39
N VAL C 32 5.63 8.12 3.48
CA VAL C 32 4.88 8.51 2.30
C VAL C 32 5.54 9.69 1.59
N ALA C 33 6.01 10.68 2.36
CA ALA C 33 6.66 11.82 1.75
C ALA C 33 7.90 11.41 0.98
N ALA C 34 8.66 10.45 1.52
CA ALA C 34 9.85 9.92 0.86
C ALA C 34 9.50 9.24 -0.47
N VAL C 35 8.40 8.50 -0.50
CA VAL C 35 7.97 7.87 -1.74
C VAL C 35 7.61 8.92 -2.78
N LEU C 36 6.78 9.90 -2.37
CA LEU C 36 6.46 10.99 -3.28
C LEU C 36 7.72 11.67 -3.81
N ALA C 37 8.69 11.90 -2.94
CA ALA C 37 9.96 12.49 -3.35
C ALA C 37 10.69 11.58 -4.33
N GLN C 38 10.58 10.26 -4.13
CA GLN C 38 11.14 9.34 -5.11
C GLN C 38 10.56 9.57 -6.49
N HIS C 39 9.29 9.97 -6.56
CA HIS C 39 8.61 10.20 -7.82
C HIS C 39 8.77 11.62 -8.32
N ARG C 40 9.45 12.48 -7.56
CA ARG C 40 9.63 13.89 -7.90
C ARG C 40 8.33 14.54 -8.34
N VAL C 41 7.26 14.27 -7.58
CA VAL C 41 5.93 14.78 -7.90
C VAL C 41 5.88 16.28 -7.68
N ALA C 42 5.26 17.00 -8.62
CA ALA C 42 4.98 18.42 -8.39
C ALA C 42 3.68 18.53 -7.61
N LEU C 43 3.78 19.03 -6.37
CA LEU C 43 2.69 19.14 -5.43
C LEU C 43 2.54 20.60 -5.04
N SER C 44 1.32 20.99 -4.69
CA SER C 44 1.08 22.23 -3.95
C SER C 44 0.54 21.82 -2.59
N VAL C 45 1.23 22.24 -1.54
CA VAL C 45 0.83 21.97 -0.17
C VAL C 45 0.26 23.26 0.39
N GLN C 46 -1.01 23.22 0.81
CA GLN C 46 -1.72 24.43 1.22
C GLN C 46 -2.31 24.24 2.62
N LEU C 47 -2.14 25.24 3.47
CA LEU C 47 -2.76 25.19 4.78
C LEU C 47 -4.26 25.42 4.65
N GLN C 48 -5.01 24.83 5.58
CA GLN C 48 -6.45 24.99 5.55
C GLN C 48 -6.92 25.81 6.74
#